data_1I25
#
_entry.id   1I25
#
_cell.length_a   1.000
_cell.length_b   1.000
_cell.length_c   1.000
_cell.angle_alpha   90.00
_cell.angle_beta   90.00
_cell.angle_gamma   90.00
#
_symmetry.space_group_name_H-M   'P 1'
#
_entity_poly.entity_id   1
_entity_poly.type   'polypeptide(L)'
_entity_poly.pdbx_seq_one_letter_code
;LFECSFSCEIEKEGDKPCKKKKCKGGWKCKFNMCVKV
;
_entity_poly.pdbx_strand_id   A
#
# COMPACT_ATOMS: atom_id res chain seq x y z
N LEU A 1 -4.83 8.33 -11.33
CA LEU A 1 -3.86 7.52 -10.53
C LEU A 1 -4.56 6.29 -9.92
N PHE A 2 -4.16 5.12 -10.32
CA PHE A 2 -4.81 3.88 -9.78
C PHE A 2 -4.31 3.61 -8.35
N GLU A 3 -5.07 2.87 -7.58
CA GLU A 3 -4.65 2.57 -6.18
C GLU A 3 -3.38 1.71 -6.17
N CYS A 4 -2.50 1.94 -5.23
CA CYS A 4 -1.22 1.15 -5.17
C CYS A 4 -1.46 -0.21 -4.48
N SER A 5 -1.07 -1.27 -5.14
CA SER A 5 -1.26 -2.64 -4.54
C SER A 5 0.00 -3.07 -3.78
N PHE A 6 1.17 -2.70 -4.27
CA PHE A 6 2.44 -3.09 -3.58
C PHE A 6 2.92 -1.99 -2.61
N SER A 7 2.11 -1.00 -2.35
CA SER A 7 2.55 0.09 -1.41
C SER A 7 1.36 0.66 -0.64
N CYS A 8 1.37 0.55 0.66
CA CYS A 8 0.25 1.09 1.48
C CYS A 8 0.70 2.32 2.28
N GLU A 9 1.95 2.36 2.67
CA GLU A 9 2.46 3.54 3.45
C GLU A 9 2.76 4.72 2.51
N ILE A 10 3.54 4.50 1.48
CA ILE A 10 3.89 5.61 0.53
C ILE A 10 3.14 5.45 -0.79
N GLU A 11 3.02 6.50 -1.56
CA GLU A 11 2.31 6.41 -2.87
C GLU A 11 3.32 6.09 -4.00
N LYS A 12 4.22 5.18 -3.76
CA LYS A 12 5.23 4.81 -4.80
C LYS A 12 5.33 3.29 -4.93
N GLU A 13 4.93 2.76 -6.05
CA GLU A 13 4.99 1.28 -6.25
C GLU A 13 6.40 0.85 -6.68
N GLY A 14 7.02 1.61 -7.54
CA GLY A 14 8.40 1.25 -8.01
C GLY A 14 8.62 1.83 -9.42
N ASP A 15 7.68 1.65 -10.30
CA ASP A 15 7.82 2.18 -11.68
C ASP A 15 6.97 3.44 -11.87
N LYS A 16 5.77 3.45 -11.37
CA LYS A 16 4.89 4.66 -11.52
C LYS A 16 4.26 5.07 -10.18
N PRO A 17 3.82 6.31 -10.13
CA PRO A 17 3.19 6.85 -8.89
C PRO A 17 1.79 6.24 -8.69
N CYS A 18 1.29 6.27 -7.49
CA CYS A 18 -0.07 5.69 -7.24
C CYS A 18 -0.75 6.36 -6.03
N LYS A 19 -1.95 5.96 -5.72
CA LYS A 19 -2.68 6.56 -4.56
C LYS A 19 -2.55 5.67 -3.32
N LYS A 20 -3.01 6.12 -2.18
CA LYS A 20 -2.90 5.29 -0.95
C LYS A 20 -4.01 4.24 -0.93
N LYS A 21 -3.66 3.00 -0.69
CA LYS A 21 -4.70 1.92 -0.67
C LYS A 21 -5.14 1.64 0.78
N LYS A 22 -6.43 1.48 0.99
CA LYS A 22 -6.93 1.20 2.37
C LYS A 22 -7.00 -0.32 2.59
N CYS A 23 -6.11 -0.84 3.40
CA CYS A 23 -6.12 -2.30 3.68
C CYS A 23 -7.29 -2.67 4.61
N LYS A 24 -7.46 -3.93 4.90
CA LYS A 24 -8.58 -4.36 5.81
C LYS A 24 -8.40 -3.80 7.22
N GLY A 25 -9.45 -3.82 8.01
CA GLY A 25 -9.37 -3.30 9.41
C GLY A 25 -8.51 -4.24 10.27
N GLY A 26 -8.55 -5.52 10.01
CA GLY A 26 -7.72 -6.49 10.81
C GLY A 26 -6.35 -6.68 10.15
N TRP A 27 -5.96 -5.80 9.26
CA TRP A 27 -4.64 -5.94 8.58
C TRP A 27 -3.75 -4.73 8.91
N LYS A 28 -2.46 -4.93 9.01
CA LYS A 28 -1.54 -3.81 9.34
C LYS A 28 -0.62 -3.50 8.15
N CYS A 29 -0.59 -2.25 7.74
CA CYS A 29 0.29 -1.86 6.58
C CYS A 29 1.73 -1.63 7.07
N LYS A 30 2.70 -2.22 6.42
CA LYS A 30 4.12 -2.03 6.84
C LYS A 30 4.81 -1.05 5.89
N PHE A 31 6.10 -1.22 5.67
CA PHE A 31 6.84 -0.29 4.75
C PHE A 31 6.20 -0.28 3.35
N ASN A 32 6.17 -1.42 2.71
CA ASN A 32 5.55 -1.50 1.34
C ASN A 32 4.80 -2.83 1.19
N MET A 33 4.23 -3.33 2.25
CA MET A 33 3.47 -4.62 2.17
C MET A 33 2.47 -4.71 3.33
N CYS A 34 1.23 -5.04 3.03
CA CYS A 34 0.19 -5.14 4.11
C CYS A 34 0.10 -6.58 4.63
N VAL A 35 0.20 -6.76 5.92
CA VAL A 35 0.14 -8.12 6.52
C VAL A 35 -0.84 -8.13 7.71
N LYS A 36 -1.47 -9.25 7.97
CA LYS A 36 -2.43 -9.32 9.12
C LYS A 36 -1.73 -8.90 10.43
N VAL A 37 -2.42 -8.18 11.27
CA VAL A 37 -1.80 -7.74 12.56
C VAL A 37 -1.91 -8.85 13.62
N LEU A 1 -11.80 -10.67 0.28
CA LEU A 1 -10.52 -10.07 0.80
C LEU A 1 -10.46 -8.58 0.47
N PHE A 2 -9.50 -7.88 1.03
CA PHE A 2 -9.37 -6.42 0.76
C PHE A 2 -7.96 -6.08 0.26
N GLU A 3 -7.74 -4.85 -0.14
CA GLU A 3 -6.38 -4.46 -0.64
C GLU A 3 -5.50 -3.98 0.52
N CYS A 4 -4.22 -3.90 0.31
CA CYS A 4 -3.30 -3.44 1.40
C CYS A 4 -3.27 -1.91 1.47
N SER A 5 -4.01 -1.34 2.40
CA SER A 5 -4.02 0.15 2.53
C SER A 5 -2.77 0.63 3.29
N PHE A 6 -2.10 -0.27 3.99
CA PHE A 6 -0.87 0.13 4.75
C PHE A 6 0.37 -0.04 3.87
N SER A 7 0.57 -1.22 3.32
CA SER A 7 1.76 -1.43 2.45
C SER A 7 1.41 -1.15 0.98
N CYS A 8 2.40 -0.98 0.15
CA CYS A 8 2.13 -0.69 -1.29
C CYS A 8 2.82 -1.74 -2.17
N GLU A 9 4.07 -2.03 -1.91
CA GLU A 9 4.79 -3.06 -2.73
C GLU A 9 4.59 -4.46 -2.12
N ILE A 10 4.62 -4.55 -0.81
CA ILE A 10 4.45 -5.88 -0.16
C ILE A 10 2.97 -6.32 -0.19
N GLU A 11 2.73 -7.60 -0.23
CA GLU A 11 1.32 -8.10 -0.27
C GLU A 11 0.79 -8.36 1.16
N LYS A 12 1.66 -8.70 2.07
CA LYS A 12 1.21 -8.95 3.49
C LYS A 12 1.19 -7.63 4.26
N GLU A 13 0.15 -7.39 5.03
CA GLU A 13 0.07 -6.11 5.81
C GLU A 13 0.59 -6.32 7.24
N GLY A 14 0.20 -7.39 7.88
CA GLY A 14 0.67 -7.66 9.26
C GLY A 14 -0.38 -8.48 10.00
N ASP A 15 -1.55 -7.92 10.20
CA ASP A 15 -2.64 -8.67 10.92
C ASP A 15 -3.48 -9.46 9.91
N LYS A 16 -3.60 -8.98 8.71
CA LYS A 16 -4.41 -9.69 7.68
C LYS A 16 -3.77 -9.54 6.28
N PRO A 17 -3.78 -10.62 5.53
CA PRO A 17 -3.19 -10.61 4.17
C PRO A 17 -4.11 -9.87 3.19
N CYS A 18 -3.55 -9.04 2.35
CA CYS A 18 -4.39 -8.29 1.35
C CYS A 18 -3.65 -8.20 0.01
N LYS A 19 -4.31 -7.65 -1.00
CA LYS A 19 -3.66 -7.53 -2.34
C LYS A 19 -2.88 -6.21 -2.43
N LYS A 20 -2.18 -6.01 -3.51
CA LYS A 20 -1.39 -4.75 -3.66
C LYS A 20 -2.31 -3.61 -4.10
N LYS A 21 -2.31 -2.51 -3.37
CA LYS A 21 -3.20 -1.36 -3.72
C LYS A 21 -2.43 -0.36 -4.59
N LYS A 22 -3.15 0.44 -5.34
CA LYS A 22 -2.49 1.45 -6.22
C LYS A 22 -2.40 2.80 -5.51
N CYS A 23 -1.51 3.66 -5.96
CA CYS A 23 -1.39 5.01 -5.31
C CYS A 23 -2.07 6.07 -6.19
N LYS A 24 -2.05 7.31 -5.77
CA LYS A 24 -2.70 8.40 -6.58
C LYS A 24 -1.83 8.77 -7.79
N GLY A 25 -2.23 9.77 -8.53
CA GLY A 25 -1.44 10.19 -9.72
C GLY A 25 -0.11 10.81 -9.29
N GLY A 26 -0.17 11.85 -8.49
CA GLY A 26 1.10 12.51 -8.02
C GLY A 26 1.53 11.89 -6.69
N TRP A 27 1.57 10.58 -6.61
CA TRP A 27 2.00 9.91 -5.36
C TRP A 27 3.02 8.82 -5.65
N LYS A 28 4.15 8.85 -4.98
CA LYS A 28 5.21 7.81 -5.21
C LYS A 28 5.06 6.67 -4.22
N CYS A 29 5.00 5.45 -4.70
CA CYS A 29 4.86 4.28 -3.78
C CYS A 29 6.21 3.99 -3.10
N LYS A 30 6.23 3.97 -1.79
CA LYS A 30 7.49 3.70 -1.06
C LYS A 30 7.68 2.19 -0.84
N PHE A 31 8.59 1.80 0.02
CA PHE A 31 8.82 0.35 0.28
C PHE A 31 7.58 -0.30 0.89
N ASN A 32 6.97 0.34 1.86
CA ASN A 32 5.75 -0.23 2.50
C ASN A 32 4.69 0.87 2.72
N MET A 33 4.72 1.90 1.91
CA MET A 33 3.72 3.01 2.07
C MET A 33 3.64 3.85 0.79
N CYS A 34 3.02 5.00 0.87
CA CYS A 34 2.91 5.88 -0.35
C CYS A 34 3.03 7.35 0.07
N VAL A 35 3.87 8.10 -0.59
CA VAL A 35 4.04 9.54 -0.23
C VAL A 35 3.82 10.43 -1.46
N LYS A 36 3.28 11.60 -1.27
CA LYS A 36 3.04 12.51 -2.43
C LYS A 36 4.37 12.92 -3.07
N VAL A 37 4.39 13.06 -4.37
CA VAL A 37 5.65 13.46 -5.07
C VAL A 37 5.98 14.93 -4.78
N LEU A 1 -4.81 13.50 -6.24
CA LEU A 1 -3.67 12.54 -6.10
C LEU A 1 -4.19 11.09 -6.12
N PHE A 2 -3.50 10.20 -6.77
CA PHE A 2 -3.95 8.78 -6.83
C PHE A 2 -3.49 8.02 -5.57
N GLU A 3 -4.32 7.14 -5.06
CA GLU A 3 -3.92 6.35 -3.84
C GLU A 3 -2.88 5.29 -4.23
N CYS A 4 -2.13 4.81 -3.28
CA CYS A 4 -1.09 3.78 -3.61
C CYS A 4 -1.68 2.37 -3.48
N SER A 5 -2.08 1.78 -4.58
CA SER A 5 -2.66 0.41 -4.54
C SER A 5 -1.55 -0.65 -4.52
N PHE A 6 -0.42 -0.35 -5.12
CA PHE A 6 0.71 -1.33 -5.13
C PHE A 6 1.38 -1.41 -3.75
N SER A 7 1.62 -0.28 -3.13
CA SER A 7 2.28 -0.29 -1.78
C SER A 7 1.34 0.27 -0.71
N CYS A 8 1.34 -0.32 0.47
CA CYS A 8 0.46 0.17 1.57
C CYS A 8 1.29 0.66 2.77
N GLU A 9 2.53 0.25 2.87
CA GLU A 9 3.39 0.69 4.02
C GLU A 9 3.88 2.13 3.80
N ILE A 10 4.33 2.43 2.60
CA ILE A 10 4.83 3.82 2.32
C ILE A 10 3.98 4.45 1.20
N GLU A 11 4.03 5.75 1.06
CA GLU A 11 3.23 6.42 -0.02
C GLU A 11 4.07 6.49 -1.32
N LYS A 12 4.64 5.39 -1.72
CA LYS A 12 5.47 5.39 -2.97
C LYS A 12 5.09 4.17 -3.84
N GLU A 13 4.56 4.42 -5.01
CA GLU A 13 4.17 3.29 -5.91
C GLU A 13 5.39 2.77 -6.69
N GLY A 14 6.28 3.65 -7.07
CA GLY A 14 7.49 3.22 -7.84
C GLY A 14 7.71 4.18 -9.02
N ASP A 15 6.70 4.35 -9.84
CA ASP A 15 6.83 5.26 -11.03
C ASP A 15 6.00 6.53 -10.82
N LYS A 16 4.93 6.46 -10.07
CA LYS A 16 4.07 7.67 -9.84
C LYS A 16 3.96 7.98 -8.34
N PRO A 17 3.83 9.25 -8.03
CA PRO A 17 3.70 9.69 -6.61
C PRO A 17 2.30 9.37 -6.09
N CYS A 18 2.22 8.56 -5.05
CA CYS A 18 0.88 8.19 -4.49
C CYS A 18 0.77 8.62 -3.02
N LYS A 19 -0.38 8.40 -2.42
CA LYS A 19 -0.57 8.79 -0.98
C LYS A 19 -0.49 7.55 -0.07
N LYS A 20 -0.79 7.72 1.19
CA LYS A 20 -0.73 6.56 2.15
C LYS A 20 -1.99 5.70 2.02
N LYS A 21 -1.83 4.45 1.66
CA LYS A 21 -3.01 3.55 1.51
C LYS A 21 -3.10 2.57 2.70
N LYS A 22 -4.27 2.41 3.26
CA LYS A 22 -4.43 1.48 4.42
C LYS A 22 -5.02 0.15 3.92
N CYS A 23 -4.42 -0.96 4.32
CA CYS A 23 -4.95 -2.28 3.88
C CYS A 23 -6.25 -2.63 4.61
N LYS A 24 -6.92 -3.68 4.21
CA LYS A 24 -8.20 -4.07 4.90
C LYS A 24 -7.92 -4.49 6.34
N GLY A 25 -8.95 -4.56 7.16
CA GLY A 25 -8.75 -4.97 8.59
C GLY A 25 -8.15 -6.38 8.65
N GLY A 26 -8.67 -7.29 7.88
CA GLY A 26 -8.13 -8.69 7.90
C GLY A 26 -6.89 -8.81 7.00
N TRP A 27 -6.64 -7.85 6.14
CA TRP A 27 -5.45 -7.92 5.26
C TRP A 27 -4.21 -7.35 5.96
N LYS A 28 -3.08 -7.98 5.81
CA LYS A 28 -1.84 -7.49 6.48
C LYS A 28 -0.98 -6.71 5.48
N CYS A 29 -0.51 -5.54 5.85
CA CYS A 29 0.34 -4.73 4.94
C CYS A 29 1.82 -5.04 5.19
N LYS A 30 2.51 -5.58 4.21
CA LYS A 30 3.96 -5.90 4.38
C LYS A 30 4.81 -4.68 3.99
N PHE A 31 6.03 -4.88 3.53
CA PHE A 31 6.89 -3.72 3.15
C PHE A 31 6.29 -2.98 1.95
N ASN A 32 5.89 -3.69 0.93
CA ASN A 32 5.28 -3.01 -0.27
C ASN A 32 4.21 -3.92 -0.91
N MET A 33 3.46 -4.65 -0.10
CA MET A 33 2.41 -5.54 -0.67
C MET A 33 1.28 -5.76 0.36
N CYS A 34 0.08 -6.03 -0.11
CA CYS A 34 -1.05 -6.27 0.83
C CYS A 34 -1.63 -7.66 0.62
N VAL A 35 -1.52 -8.53 1.60
CA VAL A 35 -2.07 -9.91 1.45
C VAL A 35 -3.05 -10.23 2.58
N LYS A 36 -4.05 -11.01 2.31
CA LYS A 36 -5.05 -11.36 3.36
C LYS A 36 -4.43 -12.34 4.37
N VAL A 37 -4.70 -12.14 5.63
CA VAL A 37 -4.12 -13.05 6.68
C VAL A 37 -4.70 -14.47 6.54
N LEU A 1 -13.47 -4.79 7.04
CA LEU A 1 -12.03 -5.01 6.68
C LEU A 1 -11.37 -3.68 6.28
N PHE A 2 -10.07 -3.67 6.16
CA PHE A 2 -9.34 -2.43 5.78
C PHE A 2 -8.30 -2.73 4.69
N GLU A 3 -7.66 -1.70 4.17
CA GLU A 3 -6.64 -1.93 3.11
C GLU A 3 -5.25 -2.10 3.74
N CYS A 4 -4.28 -2.54 2.97
CA CYS A 4 -2.91 -2.74 3.52
C CYS A 4 -2.17 -1.41 3.61
N SER A 5 -1.90 -0.94 4.80
CA SER A 5 -1.18 0.35 4.98
C SER A 5 0.33 0.16 4.80
N PHE A 6 0.81 -1.05 4.65
CA PHE A 6 2.27 -1.28 4.49
C PHE A 6 2.60 -1.66 3.04
N SER A 7 1.86 -2.56 2.45
CA SER A 7 2.15 -2.96 1.04
C SER A 7 1.30 -2.17 0.04
N CYS A 8 1.90 -1.72 -1.03
CA CYS A 8 1.15 -0.94 -2.06
C CYS A 8 0.73 -1.87 -3.21
N GLU A 9 1.62 -2.73 -3.66
CA GLU A 9 1.29 -3.67 -4.76
C GLU A 9 0.82 -5.02 -4.21
N ILE A 10 1.33 -5.41 -3.07
CA ILE A 10 0.94 -6.74 -2.48
C ILE A 10 -0.25 -6.55 -1.52
N GLU A 11 -0.96 -7.62 -1.24
CA GLU A 11 -2.12 -7.51 -0.31
C GLU A 11 -1.81 -8.23 1.02
N LYS A 12 -0.58 -8.13 1.49
CA LYS A 12 -0.20 -8.80 2.77
C LYS A 12 0.47 -7.79 3.71
N GLU A 13 -0.21 -7.39 4.75
CA GLU A 13 0.39 -6.41 5.72
C GLU A 13 1.33 -7.12 6.69
N GLY A 14 1.01 -8.33 7.09
CA GLY A 14 1.88 -9.07 8.04
C GLY A 14 1.04 -9.56 9.22
N ASP A 15 0.39 -8.65 9.90
CA ASP A 15 -0.47 -9.04 11.07
C ASP A 15 -1.85 -9.50 10.58
N LYS A 16 -2.41 -8.80 9.61
CA LYS A 16 -3.75 -9.17 9.08
C LYS A 16 -3.80 -8.96 7.57
N PRO A 17 -4.49 -9.86 6.88
CA PRO A 17 -4.61 -9.76 5.40
C PRO A 17 -5.54 -8.60 5.03
N CYS A 18 -5.18 -7.84 4.02
CA CYS A 18 -6.03 -6.69 3.60
C CYS A 18 -5.95 -6.47 2.08
N LYS A 19 -6.74 -5.56 1.57
CA LYS A 19 -6.71 -5.29 0.10
C LYS A 19 -5.52 -4.39 -0.24
N LYS A 20 -5.23 -4.21 -1.52
CA LYS A 20 -4.08 -3.34 -1.90
C LYS A 20 -4.48 -1.85 -1.80
N LYS A 21 -3.60 -1.03 -1.28
CA LYS A 21 -3.93 0.42 -1.15
C LYS A 21 -3.53 1.19 -2.43
N LYS A 22 -4.03 2.38 -2.59
CA LYS A 22 -3.69 3.18 -3.81
C LYS A 22 -3.02 4.51 -3.41
N CYS A 23 -2.32 5.13 -4.33
CA CYS A 23 -1.65 6.43 -4.02
C CYS A 23 -2.27 7.56 -4.84
N LYS A 24 -1.88 8.78 -4.58
CA LYS A 24 -2.44 9.94 -5.35
C LYS A 24 -1.84 10.01 -6.75
N GLY A 25 -2.28 10.96 -7.55
CA GLY A 25 -1.75 11.10 -8.94
C GLY A 25 -0.29 11.55 -8.90
N GLY A 26 0.06 12.41 -7.96
CA GLY A 26 1.48 12.89 -7.86
C GLY A 26 2.28 11.97 -6.94
N TRP A 27 1.92 10.71 -6.84
CA TRP A 27 2.68 9.78 -5.97
C TRP A 27 3.26 8.62 -6.79
N LYS A 28 4.08 7.81 -6.19
CA LYS A 28 4.69 6.66 -6.93
C LYS A 28 4.65 5.40 -6.07
N CYS A 29 4.08 4.33 -6.57
CA CYS A 29 4.01 3.07 -5.78
C CYS A 29 5.27 2.23 -6.03
N LYS A 30 6.07 2.04 -5.02
CA LYS A 30 7.32 1.23 -5.18
C LYS A 30 6.98 -0.27 -5.11
N PHE A 31 7.94 -1.10 -4.76
CA PHE A 31 7.68 -2.56 -4.68
C PHE A 31 6.78 -2.88 -3.47
N ASN A 32 7.08 -2.34 -2.32
CA ASN A 32 6.25 -2.62 -1.11
C ASN A 32 5.98 -1.34 -0.31
N MET A 33 5.98 -0.20 -0.96
CA MET A 33 5.72 1.08 -0.22
C MET A 33 5.26 2.19 -1.19
N CYS A 34 4.58 3.18 -0.68
CA CYS A 34 4.10 4.30 -1.56
C CYS A 34 4.85 5.59 -1.20
N VAL A 35 5.59 6.13 -2.14
CA VAL A 35 6.37 7.38 -1.86
C VAL A 35 5.93 8.50 -2.82
N LYS A 36 5.82 9.71 -2.34
CA LYS A 36 5.40 10.85 -3.23
C LYS A 36 6.55 11.20 -4.18
N VAL A 37 6.29 11.21 -5.47
CA VAL A 37 7.35 11.55 -6.46
C VAL A 37 7.11 12.95 -7.05
N LEU A 1 -4.77 12.95 -7.20
CA LEU A 1 -3.94 11.97 -6.44
C LEU A 1 -4.56 10.57 -6.52
N PHE A 2 -3.82 9.60 -7.02
CA PHE A 2 -4.37 8.22 -7.14
C PHE A 2 -4.02 7.40 -5.88
N GLU A 3 -4.21 6.11 -5.92
CA GLU A 3 -3.89 5.25 -4.74
C GLU A 3 -2.49 4.64 -4.89
N CYS A 4 -1.87 4.27 -3.80
CA CYS A 4 -0.50 3.67 -3.88
C CYS A 4 -0.61 2.18 -4.21
N SER A 5 0.12 1.73 -5.20
CA SER A 5 0.07 0.28 -5.58
C SER A 5 1.38 -0.41 -5.16
N PHE A 6 2.02 0.06 -4.12
CA PHE A 6 3.29 -0.57 -3.66
C PHE A 6 3.42 -0.45 -2.14
N SER A 7 3.16 0.70 -1.59
CA SER A 7 3.27 0.88 -0.11
C SER A 7 1.88 0.89 0.54
N CYS A 8 1.66 0.03 1.50
CA CYS A 8 0.34 -0.03 2.19
C CYS A 8 0.43 0.70 3.55
N GLU A 9 1.59 0.72 4.15
CA GLU A 9 1.74 1.41 5.47
C GLU A 9 2.05 2.90 5.25
N ILE A 10 2.90 3.20 4.29
CA ILE A 10 3.25 4.63 4.02
C ILE A 10 2.39 5.17 2.87
N GLU A 11 2.08 6.44 2.89
CA GLU A 11 1.24 7.03 1.79
C GLU A 11 2.14 7.60 0.67
N LYS A 12 3.27 6.99 0.44
CA LYS A 12 4.18 7.48 -0.64
C LYS A 12 4.81 6.30 -1.39
N GLU A 13 4.61 6.24 -2.69
CA GLU A 13 5.18 5.10 -3.48
C GLU A 13 6.65 5.37 -3.84
N GLY A 14 7.03 6.62 -3.95
CA GLY A 14 8.45 6.96 -4.29
C GLY A 14 8.48 7.74 -5.60
N ASP A 15 7.75 7.29 -6.60
CA ASP A 15 7.72 8.01 -7.91
C ASP A 15 6.58 9.04 -7.92
N LYS A 16 5.42 8.66 -7.45
CA LYS A 16 4.27 9.60 -7.43
C LYS A 16 3.53 9.50 -6.09
N PRO A 17 3.12 10.65 -5.58
CA PRO A 17 2.38 10.68 -4.28
C PRO A 17 0.97 10.12 -4.45
N CYS A 18 0.57 9.21 -3.60
CA CYS A 18 -0.80 8.63 -3.70
C CYS A 18 -1.37 8.34 -2.30
N LYS A 19 -2.63 7.99 -2.22
CA LYS A 19 -3.25 7.71 -0.88
C LYS A 19 -2.87 6.29 -0.42
N LYS A 20 -3.10 5.98 0.83
CA LYS A 20 -2.75 4.61 1.34
C LYS A 20 -3.82 3.59 0.91
N LYS A 21 -3.40 2.55 0.23
CA LYS A 21 -4.38 1.51 -0.21
C LYS A 21 -4.63 0.51 0.92
N LYS A 22 -5.87 0.34 1.31
CA LYS A 22 -6.19 -0.61 2.41
C LYS A 22 -6.07 -2.06 1.92
N CYS A 23 -5.30 -2.86 2.59
CA CYS A 23 -5.15 -4.28 2.17
C CYS A 23 -6.42 -5.07 2.49
N LYS A 24 -6.57 -6.24 1.93
CA LYS A 24 -7.79 -7.07 2.19
C LYS A 24 -7.72 -7.72 3.57
N GLY A 25 -8.77 -8.41 3.97
CA GLY A 25 -8.77 -9.08 5.31
C GLY A 25 -7.72 -10.20 5.34
N GLY A 26 -7.54 -10.90 4.25
CA GLY A 26 -6.53 -12.00 4.22
C GLY A 26 -5.15 -11.47 3.80
N TRP A 27 -4.95 -10.18 3.82
CA TRP A 27 -3.64 -9.60 3.42
C TRP A 27 -3.09 -8.71 4.54
N LYS A 28 -1.85 -8.90 4.91
CA LYS A 28 -1.26 -8.07 6.01
C LYS A 28 -0.31 -7.01 5.44
N CYS A 29 -0.29 -5.84 6.00
CA CYS A 29 0.61 -4.76 5.51
C CYS A 29 1.88 -4.71 6.36
N LYS A 30 3.02 -4.96 5.76
CA LYS A 30 4.30 -4.93 6.53
C LYS A 30 4.95 -3.54 6.42
N PHE A 31 6.26 -3.45 6.54
CA PHE A 31 6.95 -2.13 6.44
C PHE A 31 6.50 -1.37 5.19
N ASN A 32 6.64 -1.97 4.04
CA ASN A 32 6.21 -1.30 2.77
C ASN A 32 5.76 -2.34 1.74
N MET A 33 5.24 -3.45 2.17
CA MET A 33 4.78 -4.50 1.22
C MET A 33 3.58 -5.27 1.80
N CYS A 34 2.51 -5.35 1.06
CA CYS A 34 1.30 -6.08 1.56
C CYS A 34 1.33 -7.53 1.06
N VAL A 35 1.46 -8.48 1.94
CA VAL A 35 1.50 -9.92 1.51
C VAL A 35 0.35 -10.69 2.17
N LYS A 36 -0.14 -11.72 1.51
CA LYS A 36 -1.26 -12.52 2.09
C LYS A 36 -0.75 -13.39 3.24
N VAL A 37 -1.51 -13.45 4.32
CA VAL A 37 -1.07 -14.28 5.49
C VAL A 37 -1.24 -15.78 5.18
N LEU A 1 -1.48 14.52 -5.20
CA LEU A 1 -1.01 13.33 -4.44
C LEU A 1 -2.04 12.20 -4.54
N PHE A 2 -1.69 11.13 -5.20
CA PHE A 2 -2.64 9.98 -5.34
C PHE A 2 -2.28 8.88 -4.35
N GLU A 3 -3.26 8.24 -3.75
CA GLU A 3 -2.96 7.15 -2.78
C GLU A 3 -2.44 5.91 -3.51
N CYS A 4 -1.49 5.21 -2.93
CA CYS A 4 -0.93 4.00 -3.58
C CYS A 4 -1.76 2.76 -3.24
N SER A 5 -2.42 2.19 -4.20
CA SER A 5 -3.24 0.97 -3.93
C SER A 5 -2.35 -0.28 -4.01
N PHE A 6 -1.39 -0.28 -4.89
CA PHE A 6 -0.48 -1.47 -5.03
C PHE A 6 0.64 -1.41 -3.97
N SER A 7 1.24 -0.27 -3.78
CA SER A 7 2.35 -0.17 -2.79
C SER A 7 1.79 0.09 -1.38
N CYS A 8 2.33 -0.58 -0.39
CA CYS A 8 1.84 -0.38 1.00
C CYS A 8 2.98 0.09 1.91
N GLU A 9 4.11 -0.57 1.86
CA GLU A 9 5.26 -0.15 2.73
C GLU A 9 5.95 1.10 2.15
N ILE A 10 6.11 1.16 0.84
CA ILE A 10 6.77 2.35 0.22
C ILE A 10 5.71 3.34 -0.28
N GLU A 11 6.04 4.61 -0.32
CA GLU A 11 5.06 5.63 -0.81
C GLU A 11 5.40 6.07 -2.24
N LYS A 12 5.63 5.12 -3.11
CA LYS A 12 5.97 5.48 -4.54
C LYS A 12 5.52 4.36 -5.49
N GLU A 13 4.98 4.71 -6.62
CA GLU A 13 4.51 3.67 -7.59
C GLU A 13 5.03 3.97 -9.01
N GLY A 14 5.94 3.17 -9.49
CA GLY A 14 6.50 3.41 -10.86
C GLY A 14 7.43 4.61 -10.83
N ASP A 15 6.94 5.77 -11.18
CA ASP A 15 7.79 7.00 -11.16
C ASP A 15 6.99 8.20 -10.63
N LYS A 16 6.27 8.00 -9.54
CA LYS A 16 5.47 9.12 -8.96
C LYS A 16 5.23 8.87 -7.47
N PRO A 17 5.29 9.92 -6.69
CA PRO A 17 5.08 9.81 -5.23
C PRO A 17 3.60 9.58 -4.92
N CYS A 18 3.29 8.67 -4.03
CA CYS A 18 1.86 8.40 -3.69
C CYS A 18 1.66 8.27 -2.18
N LYS A 19 0.47 8.52 -1.71
CA LYS A 19 0.19 8.42 -0.23
C LYS A 19 -0.01 6.94 0.16
N LYS A 20 0.14 6.63 1.42
CA LYS A 20 -0.04 5.21 1.88
C LYS A 20 -1.52 4.85 2.00
N LYS A 21 -1.85 3.59 1.83
CA LYS A 21 -3.28 3.16 1.93
C LYS A 21 -3.52 2.43 3.26
N LYS A 22 -4.61 2.70 3.90
CA LYS A 22 -4.92 2.02 5.20
C LYS A 22 -5.72 0.73 4.95
N CYS A 23 -5.13 -0.41 5.22
CA CYS A 23 -5.84 -1.70 4.99
C CYS A 23 -6.81 -2.00 6.13
N LYS A 24 -7.56 -3.07 6.02
CA LYS A 24 -8.54 -3.43 7.09
C LYS A 24 -7.84 -4.19 8.23
N GLY A 25 -8.53 -4.39 9.34
CA GLY A 25 -7.92 -5.12 10.49
C GLY A 25 -7.56 -6.56 10.09
N GLY A 26 -8.34 -7.16 9.21
CA GLY A 26 -8.05 -8.56 8.79
C GLY A 26 -7.08 -8.58 7.59
N TRP A 27 -6.39 -7.49 7.35
CA TRP A 27 -5.44 -7.44 6.19
C TRP A 27 -4.03 -7.14 6.69
N LYS A 28 -3.05 -7.89 6.25
CA LYS A 28 -1.65 -7.65 6.70
C LYS A 28 -0.82 -7.05 5.56
N CYS A 29 -0.12 -5.98 5.82
CA CYS A 29 0.72 -5.34 4.76
C CYS A 29 2.06 -6.06 4.63
N LYS A 30 2.30 -6.68 3.50
CA LYS A 30 3.59 -7.42 3.30
C LYS A 30 4.69 -6.44 2.85
N PHE A 31 5.68 -6.93 2.13
CA PHE A 31 6.78 -6.04 1.66
C PHE A 31 6.20 -4.95 0.74
N ASN A 32 5.35 -5.34 -0.18
CA ASN A 32 4.73 -4.34 -1.11
C ASN A 32 3.35 -4.84 -1.58
N MET A 33 2.63 -5.55 -0.73
CA MET A 33 1.29 -6.08 -1.13
C MET A 33 0.42 -6.31 0.11
N CYS A 34 -0.76 -5.75 0.14
CA CYS A 34 -1.67 -5.95 1.31
C CYS A 34 -2.58 -7.14 1.09
N VAL A 35 -2.38 -8.20 1.83
CA VAL A 35 -3.24 -9.41 1.66
C VAL A 35 -3.86 -9.82 3.01
N LYS A 36 -5.04 -10.39 2.97
CA LYS A 36 -5.70 -10.82 4.25
C LYS A 36 -4.79 -11.76 5.04
N VAL A 37 -4.80 -11.66 6.34
CA VAL A 37 -3.93 -12.57 7.17
C VAL A 37 -4.43 -14.02 7.10
N LEU A 1 -2.25 8.63 -12.06
CA LEU A 1 -1.23 8.54 -10.96
C LEU A 1 -0.76 7.10 -10.79
N PHE A 2 0.38 6.90 -10.18
CA PHE A 2 0.91 5.52 -9.98
C PHE A 2 0.41 4.95 -8.64
N GLU A 3 0.75 3.72 -8.34
CA GLU A 3 0.30 3.10 -7.06
C GLU A 3 1.47 2.94 -6.08
N CYS A 4 1.18 2.90 -4.80
CA CYS A 4 2.27 2.75 -3.78
C CYS A 4 2.58 1.26 -3.55
N SER A 5 3.81 0.96 -3.22
CA SER A 5 4.19 -0.47 -2.97
C SER A 5 3.94 -0.85 -1.51
N PHE A 6 4.43 -0.06 -0.58
CA PHE A 6 4.22 -0.37 0.87
C PHE A 6 3.33 0.69 1.53
N SER A 7 2.50 1.36 0.77
CA SER A 7 1.60 2.40 1.37
C SER A 7 0.13 2.07 1.07
N CYS A 8 -0.56 1.49 2.03
CA CYS A 8 -1.99 1.12 1.82
C CYS A 8 -2.91 2.19 2.42
N GLU A 9 -2.62 2.63 3.62
CA GLU A 9 -3.47 3.68 4.28
C GLU A 9 -3.06 5.07 3.80
N ILE A 10 -1.78 5.37 3.83
CA ILE A 10 -1.31 6.72 3.37
C ILE A 10 -0.95 6.67 1.88
N GLU A 11 -1.11 7.77 1.19
CA GLU A 11 -0.77 7.80 -0.27
C GLU A 11 0.63 8.38 -0.48
N LYS A 12 1.57 8.04 0.38
CA LYS A 12 2.96 8.56 0.24
C LYS A 12 3.97 7.46 0.55
N GLU A 13 4.74 7.05 -0.42
CA GLU A 13 5.75 5.96 -0.19
C GLU A 13 7.04 6.52 0.43
N GLY A 14 7.19 7.84 0.47
CA GLY A 14 8.43 8.44 1.05
C GLY A 14 9.35 8.90 -0.07
N ASP A 15 9.69 8.01 -0.97
CA ASP A 15 10.59 8.39 -2.11
C ASP A 15 9.76 8.90 -3.30
N LYS A 16 8.60 8.33 -3.51
CA LYS A 16 7.74 8.78 -4.65
C LYS A 16 6.26 8.77 -4.24
N PRO A 17 5.58 9.84 -4.56
CA PRO A 17 4.13 9.96 -4.22
C PRO A 17 3.30 9.05 -5.14
N CYS A 18 2.31 8.38 -4.60
CA CYS A 18 1.47 7.48 -5.45
C CYS A 18 0.07 7.30 -4.83
N LYS A 19 -0.81 6.65 -5.55
CA LYS A 19 -2.19 6.42 -5.03
C LYS A 19 -2.22 5.21 -4.09
N LYS A 20 -3.37 4.90 -3.54
CA LYS A 20 -3.47 3.72 -2.62
C LYS A 20 -3.55 2.42 -3.42
N LYS A 21 -2.71 1.47 -3.09
CA LYS A 21 -2.72 0.16 -3.83
C LYS A 21 -3.61 -0.85 -3.08
N LYS A 22 -4.46 -1.53 -3.79
CA LYS A 22 -5.34 -2.54 -3.14
C LYS A 22 -4.55 -3.84 -2.90
N CYS A 23 -4.51 -4.30 -1.67
CA CYS A 23 -3.75 -5.55 -1.36
C CYS A 23 -4.55 -6.78 -1.81
N LYS A 24 -4.05 -7.96 -1.51
CA LYS A 24 -4.78 -9.21 -1.92
C LYS A 24 -6.03 -9.42 -1.05
N GLY A 25 -6.85 -10.39 -1.40
CA GLY A 25 -8.08 -10.66 -0.61
C GLY A 25 -7.71 -11.23 0.77
N GLY A 26 -6.68 -12.02 0.85
CA GLY A 26 -6.28 -12.61 2.17
C GLY A 26 -5.16 -11.77 2.82
N TRP A 27 -5.17 -10.47 2.64
CA TRP A 27 -4.11 -9.62 3.25
C TRP A 27 -4.75 -8.47 4.04
N LYS A 28 -4.27 -8.23 5.23
CA LYS A 28 -4.85 -7.13 6.07
C LYS A 28 -3.95 -5.89 6.01
N CYS A 29 -4.52 -4.76 5.69
CA CYS A 29 -3.71 -3.49 5.62
C CYS A 29 -3.58 -2.87 7.02
N LYS A 30 -2.37 -2.78 7.52
CA LYS A 30 -2.17 -2.20 8.88
C LYS A 30 -1.88 -0.69 8.75
N PHE A 31 -1.07 -0.13 9.62
CA PHE A 31 -0.77 1.34 9.54
C PHE A 31 -0.17 1.69 8.17
N ASN A 32 0.94 1.09 7.81
CA ASN A 32 1.57 1.39 6.48
C ASN A 32 2.18 0.11 5.89
N MET A 33 1.53 -1.02 6.07
CA MET A 33 2.07 -2.29 5.52
C MET A 33 0.94 -3.30 5.30
N CYS A 34 1.25 -4.44 4.73
CA CYS A 34 0.21 -5.48 4.49
C CYS A 34 0.67 -6.84 5.01
N VAL A 35 -0.18 -7.54 5.71
CA VAL A 35 0.21 -8.88 6.25
C VAL A 35 -0.86 -9.93 5.89
N LYS A 36 -0.44 -11.03 5.31
CA LYS A 36 -1.42 -12.10 4.93
C LYS A 36 -2.06 -12.70 6.18
N VAL A 37 -3.32 -12.44 6.40
CA VAL A 37 -4.01 -13.02 7.60
C VAL A 37 -4.36 -14.50 7.38
N LEU A 1 -11.34 -8.18 3.78
CA LEU A 1 -10.48 -7.99 4.98
C LEU A 1 -10.12 -6.51 5.16
N PHE A 2 -9.34 -6.19 6.16
CA PHE A 2 -8.95 -4.75 6.38
C PHE A 2 -7.92 -4.31 5.33
N GLU A 3 -7.93 -3.05 4.98
CA GLU A 3 -6.95 -2.54 3.96
C GLU A 3 -5.55 -2.46 4.56
N CYS A 4 -4.53 -2.57 3.74
CA CYS A 4 -3.13 -2.51 4.27
C CYS A 4 -2.59 -1.08 4.22
N SER A 5 -1.89 -0.67 5.24
CA SER A 5 -1.32 0.71 5.27
C SER A 5 0.21 0.67 5.08
N PHE A 6 0.83 -0.43 5.42
CA PHE A 6 2.32 -0.54 5.25
C PHE A 6 2.68 -1.25 3.94
N SER A 7 1.74 -1.37 3.02
CA SER A 7 2.04 -2.06 1.73
C SER A 7 1.24 -1.42 0.58
N CYS A 8 1.91 -0.99 -0.45
CA CYS A 8 1.21 -0.35 -1.62
C CYS A 8 1.58 -1.07 -2.93
N GLU A 9 2.38 -2.11 -2.86
CA GLU A 9 2.78 -2.84 -4.11
C GLU A 9 2.14 -4.24 -4.13
N ILE A 10 2.40 -5.04 -3.12
CA ILE A 10 1.81 -6.41 -3.07
C ILE A 10 0.72 -6.48 -2.00
N GLU A 11 -0.31 -7.25 -2.25
CA GLU A 11 -1.41 -7.38 -1.23
C GLU A 11 -0.86 -7.95 0.09
N LYS A 12 0.05 -8.89 0.01
CA LYS A 12 0.63 -9.49 1.24
C LYS A 12 1.66 -8.53 1.85
N GLU A 13 1.40 -8.05 3.05
CA GLU A 13 2.36 -7.13 3.72
C GLU A 13 3.44 -7.91 4.45
N GLY A 14 3.09 -9.05 5.03
CA GLY A 14 4.09 -9.87 5.76
C GLY A 14 3.46 -10.44 7.03
N ASP A 15 2.69 -9.65 7.74
CA ASP A 15 2.03 -10.15 8.99
C ASP A 15 0.75 -10.91 8.64
N LYS A 16 -0.06 -10.36 7.75
CA LYS A 16 -1.33 -11.05 7.37
C LYS A 16 -1.73 -10.67 5.93
N PRO A 17 -2.57 -11.50 5.34
CA PRO A 17 -3.04 -11.23 3.96
C PRO A 17 -4.04 -10.07 3.95
N CYS A 18 -3.58 -8.90 3.59
CA CYS A 18 -4.50 -7.70 3.57
C CYS A 18 -4.80 -7.28 2.12
N LYS A 19 -5.72 -6.37 1.94
CA LYS A 19 -6.07 -5.92 0.55
C LYS A 19 -5.07 -4.87 0.06
N LYS A 20 -5.13 -4.54 -1.21
CA LYS A 20 -4.18 -3.53 -1.77
C LYS A 20 -4.65 -2.10 -1.42
N LYS A 21 -3.73 -1.19 -1.29
CA LYS A 21 -4.10 0.22 -0.96
C LYS A 21 -3.35 1.19 -1.87
N LYS A 22 -4.04 2.18 -2.40
CA LYS A 22 -3.37 3.17 -3.30
C LYS A 22 -3.24 4.52 -2.58
N CYS A 23 -2.46 5.42 -3.14
CA CYS A 23 -2.28 6.77 -2.50
C CYS A 23 -3.13 7.81 -3.22
N LYS A 24 -2.89 9.07 -2.94
CA LYS A 24 -3.68 10.17 -3.60
C LYS A 24 -3.18 10.40 -5.04
N GLY A 25 -3.80 11.32 -5.75
CA GLY A 25 -3.38 11.60 -7.15
C GLY A 25 -1.94 12.14 -7.17
N GLY A 26 -1.63 13.05 -6.28
CA GLY A 26 -0.24 13.61 -6.24
C GLY A 26 0.61 12.84 -5.22
N TRP A 27 0.40 11.54 -5.13
CA TRP A 27 1.19 10.72 -4.16
C TRP A 27 1.60 9.40 -4.82
N LYS A 28 2.86 9.05 -4.75
CA LYS A 28 3.31 7.76 -5.37
C LYS A 28 4.08 6.93 -4.33
N CYS A 29 3.71 5.69 -4.17
CA CYS A 29 4.41 4.81 -3.18
C CYS A 29 5.50 3.98 -3.87
N LYS A 30 6.56 3.68 -3.16
CA LYS A 30 7.67 2.89 -3.77
C LYS A 30 7.46 1.39 -3.48
N PHE A 31 8.37 0.75 -2.78
CA PHE A 31 8.20 -0.71 -2.48
C PHE A 31 6.96 -0.92 -1.60
N ASN A 32 6.96 -0.37 -0.41
CA ASN A 32 5.77 -0.52 0.50
C ASN A 32 5.61 0.74 1.36
N MET A 33 5.84 1.90 0.78
CA MET A 33 5.70 3.17 1.57
C MET A 33 5.12 4.29 0.67
N CYS A 34 4.08 4.94 1.12
CA CYS A 34 3.47 6.05 0.30
C CYS A 34 4.25 7.36 0.48
N VAL A 35 4.60 8.01 -0.60
CA VAL A 35 5.36 9.30 -0.51
C VAL A 35 4.79 10.31 -1.51
N LYS A 36 4.72 11.57 -1.13
CA LYS A 36 4.17 12.61 -2.06
C LYS A 36 5.09 12.77 -3.28
N VAL A 37 4.52 12.88 -4.46
CA VAL A 37 5.36 13.03 -5.69
C VAL A 37 5.60 14.51 -6.01
N LEU A 1 -1.10 12.11 -9.17
CA LEU A 1 -1.16 11.59 -7.76
C LEU A 1 -2.41 10.73 -7.56
N PHE A 2 -2.24 9.48 -7.19
CA PHE A 2 -3.43 8.59 -6.98
C PHE A 2 -3.10 7.47 -5.98
N GLU A 3 -4.11 6.79 -5.47
CA GLU A 3 -3.88 5.70 -4.48
C GLU A 3 -2.94 4.63 -5.07
N CYS A 4 -2.02 4.12 -4.30
CA CYS A 4 -1.08 3.08 -4.83
C CYS A 4 -1.75 1.71 -4.86
N SER A 5 -1.35 0.86 -5.77
CA SER A 5 -1.96 -0.50 -5.86
C SER A 5 -1.12 -1.51 -5.06
N PHE A 6 0.19 -1.42 -5.16
CA PHE A 6 1.07 -2.38 -4.41
C PHE A 6 1.56 -1.73 -3.11
N SER A 7 1.95 -0.47 -3.15
CA SER A 7 2.45 0.20 -1.91
C SER A 7 1.29 0.41 -0.92
N CYS A 8 1.33 -0.26 0.21
CA CYS A 8 0.24 -0.10 1.22
C CYS A 8 0.69 0.83 2.35
N GLU A 9 1.94 0.73 2.76
CA GLU A 9 2.44 1.61 3.86
C GLU A 9 3.21 2.81 3.28
N ILE A 10 4.05 2.56 2.31
CA ILE A 10 4.83 3.69 1.70
C ILE A 10 4.03 4.34 0.56
N GLU A 11 4.35 5.56 0.21
CA GLU A 11 3.61 6.25 -0.89
C GLU A 11 4.43 6.22 -2.20
N LYS A 12 5.12 5.14 -2.46
CA LYS A 12 5.95 5.04 -3.70
C LYS A 12 5.67 3.70 -4.40
N GLU A 13 5.23 3.75 -5.64
CA GLU A 13 4.95 2.48 -6.39
C GLU A 13 6.23 1.96 -7.06
N GLY A 14 7.18 2.83 -7.33
CA GLY A 14 8.45 2.39 -7.98
C GLY A 14 8.77 3.33 -9.14
N ASP A 15 7.84 3.51 -10.05
CA ASP A 15 8.09 4.42 -11.21
C ASP A 15 7.33 5.74 -11.01
N LYS A 16 6.26 5.74 -10.26
CA LYS A 16 5.48 6.99 -10.04
C LYS A 16 5.06 7.12 -8.56
N PRO A 17 4.91 8.35 -8.12
CA PRO A 17 4.50 8.62 -6.71
C PRO A 17 3.00 8.33 -6.56
N CYS A 18 2.60 7.87 -5.39
CA CYS A 18 1.16 7.56 -5.17
C CYS A 18 0.76 7.84 -3.71
N LYS A 19 -0.46 7.54 -3.35
CA LYS A 19 -0.92 7.78 -1.95
C LYS A 19 -0.89 6.48 -1.14
N LYS A 20 -1.13 6.56 0.15
CA LYS A 20 -1.10 5.32 0.99
C LYS A 20 -2.41 4.53 0.82
N LYS A 21 -2.31 3.30 0.38
CA LYS A 21 -3.53 2.47 0.19
C LYS A 21 -3.95 1.82 1.51
N LYS A 22 -5.18 1.97 1.91
CA LYS A 22 -5.66 1.36 3.19
C LYS A 22 -6.23 -0.04 2.92
N CYS A 23 -5.81 -1.02 3.69
CA CYS A 23 -6.33 -2.41 3.49
C CYS A 23 -7.63 -2.63 4.26
N LYS A 24 -8.09 -3.86 4.35
CA LYS A 24 -9.37 -4.16 5.07
C LYS A 24 -9.14 -4.15 6.58
N GLY A 25 -10.21 -4.23 7.35
CA GLY A 25 -10.09 -4.23 8.83
C GLY A 25 -9.27 -5.44 9.31
N GLY A 26 -9.50 -6.59 8.73
CA GLY A 26 -8.74 -7.81 9.14
C GLY A 26 -7.55 -8.03 8.20
N TRP A 27 -6.82 -6.98 7.89
CA TRP A 27 -5.64 -7.12 6.99
C TRP A 27 -4.48 -6.26 7.50
N LYS A 28 -3.37 -6.88 7.85
CA LYS A 28 -2.20 -6.10 8.35
C LYS A 28 -1.35 -5.60 7.18
N CYS A 29 -0.71 -4.46 7.34
CA CYS A 29 0.13 -3.91 6.24
C CYS A 29 1.62 -4.00 6.63
N LYS A 30 2.45 -4.42 5.70
CA LYS A 30 3.92 -4.54 6.00
C LYS A 30 4.68 -3.37 5.34
N PHE A 31 5.90 -3.59 4.92
CA PHE A 31 6.68 -2.48 4.27
C PHE A 31 5.96 -1.98 3.02
N ASN A 32 5.59 -2.88 2.14
CA ASN A 32 4.86 -2.47 0.90
C ASN A 32 3.90 -3.59 0.45
N MET A 33 3.34 -4.31 1.40
CA MET A 33 2.40 -5.42 1.05
C MET A 33 1.30 -5.51 2.11
N CYS A 34 0.39 -6.45 1.97
CA CYS A 34 -0.71 -6.59 2.97
C CYS A 34 -1.03 -8.08 3.20
N VAL A 35 -1.11 -8.49 4.44
CA VAL A 35 -1.42 -9.92 4.75
C VAL A 35 -2.67 -10.02 5.63
N LYS A 36 -3.58 -10.91 5.31
CA LYS A 36 -4.81 -11.06 6.12
C LYS A 36 -4.48 -11.68 7.49
N VAL A 37 -4.94 -11.08 8.55
CA VAL A 37 -4.66 -11.64 9.91
C VAL A 37 -5.68 -12.75 10.27
N LEU A 1 -2.05 14.00 -5.08
CA LEU A 1 -1.49 12.94 -4.19
C LEU A 1 -2.63 12.13 -3.54
N PHE A 2 -3.06 11.08 -4.20
CA PHE A 2 -4.17 10.23 -3.65
C PHE A 2 -3.57 9.11 -2.77
N GLU A 3 -4.09 7.91 -2.87
CA GLU A 3 -3.53 6.79 -2.03
C GLU A 3 -2.86 5.75 -2.92
N CYS A 4 -1.92 5.01 -2.37
CA CYS A 4 -1.21 3.96 -3.17
C CYS A 4 -2.06 2.69 -3.26
N SER A 5 -2.06 2.06 -4.41
CA SER A 5 -2.86 0.82 -4.59
C SER A 5 -1.96 -0.42 -4.66
N PHE A 6 -0.74 -0.27 -5.11
CA PHE A 6 0.18 -1.44 -5.22
C PHE A 6 1.23 -1.41 -4.10
N SER A 7 1.64 -0.24 -3.68
CA SER A 7 2.68 -0.15 -2.59
C SER A 7 2.03 0.18 -1.23
N CYS A 8 2.07 -0.75 -0.31
CA CYS A 8 1.48 -0.48 1.04
C CYS A 8 2.61 -0.13 2.03
N GLU A 9 3.80 -0.62 1.81
CA GLU A 9 4.94 -0.30 2.72
C GLU A 9 5.48 1.09 2.41
N ILE A 10 5.72 1.38 1.14
CA ILE A 10 6.25 2.72 0.76
C ILE A 10 5.16 3.55 0.09
N GLU A 11 5.28 4.86 0.10
CA GLU A 11 4.26 5.73 -0.54
C GLU A 11 4.66 6.05 -1.99
N LYS A 12 5.24 5.09 -2.67
CA LYS A 12 5.66 5.33 -4.09
C LYS A 12 5.42 4.06 -4.92
N GLU A 13 4.71 4.17 -6.01
CA GLU A 13 4.45 2.97 -6.86
C GLU A 13 5.42 2.92 -8.04
N GLY A 14 6.66 3.27 -7.81
CA GLY A 14 7.67 3.24 -8.93
C GLY A 14 7.56 4.51 -9.76
N ASP A 15 6.47 4.68 -10.47
CA ASP A 15 6.28 5.90 -11.32
C ASP A 15 5.05 6.70 -10.87
N LYS A 16 4.45 6.35 -9.76
CA LYS A 16 3.25 7.09 -9.30
C LYS A 16 3.29 7.29 -7.77
N PRO A 17 3.60 8.51 -7.38
CA PRO A 17 3.69 8.85 -5.94
C PRO A 17 2.28 8.97 -5.33
N CYS A 18 2.10 8.45 -4.14
CA CYS A 18 0.76 8.53 -3.48
C CYS A 18 0.88 8.36 -1.96
N LYS A 19 -0.20 8.47 -1.25
CA LYS A 19 -0.16 8.31 0.25
C LYS A 19 -0.19 6.83 0.63
N LYS A 20 0.11 6.53 1.87
CA LYS A 20 0.11 5.10 2.32
C LYS A 20 -1.31 4.64 2.64
N LYS A 21 -1.73 3.55 2.05
CA LYS A 21 -3.11 3.02 2.32
C LYS A 21 -3.04 1.76 3.17
N LYS A 22 -3.47 1.82 4.40
CA LYS A 22 -3.43 0.62 5.29
C LYS A 22 -4.43 -0.43 4.79
N CYS A 23 -4.00 -1.66 4.67
CA CYS A 23 -4.93 -2.75 4.19
C CYS A 23 -6.00 -3.03 5.24
N LYS A 24 -6.93 -3.91 4.93
CA LYS A 24 -8.02 -4.24 5.90
C LYS A 24 -7.42 -4.92 7.15
N GLY A 25 -8.22 -5.13 8.16
CA GLY A 25 -7.71 -5.79 9.41
C GLY A 25 -7.26 -7.22 9.09
N GLY A 26 -7.96 -7.90 8.22
CA GLY A 26 -7.57 -9.30 7.85
C GLY A 26 -6.39 -9.28 6.86
N TRP A 27 -6.14 -8.15 6.23
CA TRP A 27 -5.00 -8.08 5.25
C TRP A 27 -3.79 -7.42 5.91
N LYS A 28 -2.61 -7.91 5.60
CA LYS A 28 -1.36 -7.33 6.18
C LYS A 28 -0.44 -6.83 5.06
N CYS A 29 0.15 -5.68 5.24
CA CYS A 29 1.08 -5.14 4.20
C CYS A 29 2.42 -5.89 4.25
N LYS A 30 2.88 -6.37 3.12
CA LYS A 30 4.17 -7.11 3.08
C LYS A 30 5.25 -6.23 2.43
N PHE A 31 6.20 -6.82 1.74
CA PHE A 31 7.28 -6.01 1.10
C PHE A 31 6.67 -4.89 0.25
N ASN A 32 5.84 -5.24 -0.71
CA ASN A 32 5.21 -4.20 -1.57
C ASN A 32 3.87 -4.73 -2.12
N MET A 33 3.14 -5.45 -1.30
CA MET A 33 1.83 -6.02 -1.76
C MET A 33 0.96 -6.36 -0.54
N CYS A 34 -0.34 -6.33 -0.70
CA CYS A 34 -1.25 -6.65 0.45
C CYS A 34 -1.59 -8.14 0.46
N VAL A 35 -1.27 -8.83 1.52
CA VAL A 35 -1.58 -10.29 1.59
C VAL A 35 -2.48 -10.58 2.80
N LYS A 36 -3.58 -11.26 2.58
CA LYS A 36 -4.51 -11.57 3.71
C LYS A 36 -3.80 -12.44 4.75
N VAL A 37 -3.66 -11.96 5.96
CA VAL A 37 -2.99 -12.76 7.03
C VAL A 37 -3.99 -13.67 7.75
#